data_6WT4
#
_entry.id   6WT4
#
_cell.length_a   121.848
_cell.length_b   121.848
_cell.length_c   48.160
_cell.angle_alpha   90.000
_cell.angle_beta   90.000
_cell.angle_gamma   90.000
#
_symmetry.space_group_name_H-M   'I 4'
#
loop_
_entity.id
_entity.type
_entity.pdbx_description
1 polymer 'Bacterial STING'
2 non-polymer "2-amino-9-[(2R,3R,3aS,5R,7aR,9R,10R,10aS,12R,14aR)-9-(6-amino-9H-purin-9-yl)-3,5,10,12-tetrahydroxy-5,12-dioxidooctahydro-2H,7H-difuro[3,2-d:3',2'-j][1,3,7,9,2,8]tetraoxadiphosphacyclododecin-2-yl]-1,9-dihydro-6H-purin-6-one"
3 non-polymer 'SULFATE ION'
4 water water
#
_entity_poly.entity_id   1
_entity_poly.type   'polypeptide(L)'
_entity_poly.pdbx_seq_one_letter_code
;SEAEYSPAFALAVGYFKNFIFPAITQIKENGEVNPKICIYKPKHFDELTSTNIDMIKAELTNKKYNLSEINLSLKGARAR
DILTLNKKSKIHSYFDFPNTLLSLYSYVDFKIASSNNNSSELKKKKFVELLIEQFYLKLNELIQENNLTNNITFCDKNLQ
GL
;
_entity_poly.pdbx_strand_id   A,B
#
# COMPACT_ATOMS: atom_id res chain seq x y z
N SER A 6 -6.58 -6.64 -16.34
CA SER A 6 -5.71 -7.44 -15.49
C SER A 6 -5.68 -6.93 -14.06
N PRO A 7 -5.83 -7.84 -13.10
CA PRO A 7 -5.74 -7.42 -11.69
C PRO A 7 -4.32 -7.04 -11.30
N ALA A 8 -3.34 -7.78 -11.83
CA ALA A 8 -1.95 -7.50 -11.47
C ALA A 8 -1.48 -6.18 -12.03
N PHE A 9 -1.97 -5.78 -13.20
CA PHE A 9 -1.59 -4.48 -13.76
C PHE A 9 -2.04 -3.35 -12.85
N ALA A 10 -3.25 -3.46 -12.28
CA ALA A 10 -3.73 -2.44 -11.35
C ALA A 10 -2.83 -2.35 -10.12
N LEU A 11 -2.43 -3.50 -9.59
CA LEU A 11 -1.56 -3.48 -8.41
C LEU A 11 -0.20 -2.89 -8.75
N ALA A 12 0.34 -3.20 -9.93
CA ALA A 12 1.61 -2.61 -10.34
C ALA A 12 1.50 -1.11 -10.51
N VAL A 13 0.39 -0.63 -11.07
CA VAL A 13 0.23 0.81 -11.28
C VAL A 13 0.20 1.54 -9.94
N GLY A 14 -0.56 1.01 -8.98
CA GLY A 14 -0.59 1.64 -7.67
C GLY A 14 0.76 1.60 -6.98
N TYR A 15 1.45 0.46 -7.08
CA TYR A 15 2.79 0.33 -6.50
C TYR A 15 3.76 1.33 -7.13
N PHE A 16 3.67 1.52 -8.45
CA PHE A 16 4.58 2.47 -9.09
C PHE A 16 4.15 3.91 -8.80
N LYS A 17 2.87 4.22 -9.00
CA LYS A 17 2.44 5.62 -8.94
C LYS A 17 2.38 6.16 -7.51
N ASN A 18 2.08 5.31 -6.54
CA ASN A 18 1.95 5.78 -5.16
C ASN A 18 3.17 5.50 -4.30
N PHE A 19 4.18 4.80 -4.81
CA PHE A 19 5.32 4.44 -3.99
C PHE A 19 6.65 4.61 -4.71
N ILE A 20 6.90 3.81 -5.74
CA ILE A 20 8.21 3.84 -6.40
C ILE A 20 8.48 5.19 -7.03
N PHE A 21 7.56 5.68 -7.86
CA PHE A 21 7.79 6.95 -8.55
C PHE A 21 7.93 8.13 -7.60
N PRO A 22 7.03 8.33 -6.62
CA PRO A 22 7.27 9.44 -5.66
C PRO A 22 8.57 9.32 -4.91
N ALA A 23 8.94 8.10 -4.49
CA ALA A 23 10.15 7.93 -3.70
C ALA A 23 11.39 8.33 -4.50
N ILE A 24 11.54 7.80 -5.72
CA ILE A 24 12.74 8.08 -6.48
C ILE A 24 12.77 9.53 -6.94
N THR A 25 11.61 10.12 -7.22
CA THR A 25 11.57 11.52 -7.63
C THR A 25 11.95 12.44 -6.48
N GLN A 26 11.47 12.13 -5.27
CA GLN A 26 11.81 12.93 -4.10
C GLN A 26 13.30 12.84 -3.80
N ILE A 27 13.84 11.62 -3.79
CA ILE A 27 15.24 11.41 -3.45
C ILE A 27 16.16 12.17 -4.41
N LYS A 28 15.81 12.17 -5.70
CA LYS A 28 16.61 12.91 -6.67
C LYS A 28 16.63 14.39 -6.37
N GLU A 29 15.47 14.95 -5.98
CA GLU A 29 15.42 16.36 -5.64
C GLU A 29 16.19 16.67 -4.37
N ASN A 30 16.22 15.73 -3.42
CA ASN A 30 16.92 15.95 -2.16
C ASN A 30 18.43 16.05 -2.34
N GLY A 31 18.96 15.72 -3.51
CA GLY A 31 20.38 15.89 -3.77
C GLY A 31 21.10 14.67 -4.28
N GLU A 32 20.51 13.48 -4.10
CA GLU A 32 21.16 12.26 -4.56
C GLU A 32 21.06 12.16 -6.08
N VAL A 33 22.21 11.93 -6.72
CA VAL A 33 22.29 11.96 -8.18
C VAL A 33 22.19 10.55 -8.74
N ASN A 34 22.62 9.56 -7.96
CA ASN A 34 22.60 8.16 -8.39
C ASN A 34 21.97 7.27 -7.32
N PRO A 35 20.72 7.52 -6.94
CA PRO A 35 20.06 6.64 -5.98
C PRO A 35 19.51 5.40 -6.68
N LYS A 36 19.55 4.28 -5.95
CA LYS A 36 19.10 3.00 -6.46
C LYS A 36 18.04 2.43 -5.54
N ILE A 37 16.90 2.04 -6.13
CA ILE A 37 15.89 1.25 -5.44
C ILE A 37 15.85 -0.11 -6.10
N CYS A 38 16.23 -1.14 -5.36
CA CYS A 38 16.16 -2.50 -5.85
C CYS A 38 14.86 -3.13 -5.37
N ILE A 39 14.05 -3.61 -6.29
CA ILE A 39 12.75 -4.18 -6.02
C ILE A 39 12.89 -5.69 -6.06
N TYR A 40 12.56 -6.34 -4.94
CA TYR A 40 12.58 -7.80 -4.91
C TYR A 40 11.61 -8.36 -5.94
N LYS A 41 12.07 -9.32 -6.74
CA LYS A 41 11.28 -9.92 -7.81
C LYS A 41 11.20 -11.43 -7.57
N PRO A 42 10.21 -11.90 -6.83
CA PRO A 42 10.04 -13.34 -6.65
C PRO A 42 9.46 -13.97 -7.91
N LYS A 43 9.69 -15.27 -8.04
CA LYS A 43 9.13 -16.07 -9.12
C LYS A 43 8.07 -17.05 -8.65
N HIS A 44 8.32 -17.74 -7.55
CA HIS A 44 7.50 -18.86 -7.12
C HIS A 44 6.60 -18.46 -5.96
N PHE A 45 5.48 -19.19 -5.84
CA PHE A 45 4.51 -18.89 -4.79
C PHE A 45 5.14 -18.94 -3.40
N ASP A 46 6.04 -19.90 -3.17
CA ASP A 46 6.63 -20.06 -1.84
C ASP A 46 7.54 -18.89 -1.46
N GLU A 47 7.92 -18.03 -2.40
CA GLU A 47 8.68 -16.85 -2.03
C GLU A 47 7.83 -15.78 -1.37
N LEU A 48 6.51 -15.95 -1.37
CA LEU A 48 5.61 -15.03 -0.69
C LEU A 48 5.26 -15.47 0.73
N THR A 49 5.86 -16.56 1.22
CA THR A 49 5.52 -17.06 2.54
C THR A 49 6.31 -16.31 3.62
N SER A 50 5.85 -16.49 4.86
CA SER A 50 6.53 -15.88 6.00
C SER A 50 7.97 -16.35 6.11
N THR A 51 8.25 -17.60 5.74
CA THR A 51 9.60 -18.12 5.82
C THR A 51 10.55 -17.32 4.93
N ASN A 52 10.12 -17.03 3.70
CA ASN A 52 10.97 -16.28 2.79
C ASN A 52 11.04 -14.80 3.18
N ILE A 53 9.93 -14.24 3.66
CA ILE A 53 9.95 -12.86 4.14
C ILE A 53 10.91 -12.71 5.32
N ASP A 54 10.85 -13.66 6.27
CA ASP A 54 11.77 -13.59 7.41
C ASP A 54 13.22 -13.75 6.97
N MET A 55 13.46 -14.56 5.92
CA MET A 55 14.81 -14.68 5.39
C MET A 55 15.32 -13.34 4.88
N ILE A 56 14.48 -12.63 4.12
CA ILE A 56 14.89 -11.35 3.56
C ILE A 56 15.08 -10.31 4.66
N LYS A 57 14.21 -10.33 5.67
CA LYS A 57 14.34 -9.37 6.76
C LYS A 57 15.65 -9.59 7.53
N ALA A 58 16.02 -10.85 7.76
CA ALA A 58 17.31 -11.15 8.38
C ALA A 58 18.45 -10.68 7.50
N GLU A 59 18.34 -10.91 6.19
CA GLU A 59 19.38 -10.52 5.26
C GLU A 59 19.56 -9.01 5.20
N LEU A 60 18.44 -8.27 5.23
CA LEU A 60 18.52 -6.82 5.27
C LEU A 60 19.28 -6.36 6.51
N THR A 61 18.99 -6.97 7.67
CA THR A 61 19.71 -6.60 8.88
C THR A 61 21.19 -6.92 8.76
N ASN A 62 21.52 -8.11 8.25
CA ASN A 62 22.92 -8.51 8.13
C ASN A 62 23.70 -7.55 7.24
N LYS A 63 23.05 -7.03 6.20
CA LYS A 63 23.69 -6.10 5.27
C LYS A 63 23.48 -4.64 5.66
N LYS A 64 23.04 -4.38 6.89
CA LYS A 64 22.99 -3.03 7.48
C LYS A 64 21.98 -2.13 6.75
N TYR A 65 20.84 -2.70 6.35
CA TYR A 65 19.71 -1.89 5.92
C TYR A 65 18.82 -1.57 7.12
N ASN A 66 18.21 -0.37 7.09
CA ASN A 66 17.25 0.03 8.10
C ASN A 66 16.03 0.62 7.42
N LEU A 67 14.85 0.31 7.96
CA LEU A 67 13.61 0.91 7.48
C LEU A 67 13.60 2.40 7.81
N SER A 68 13.53 3.24 6.78
CA SER A 68 13.70 4.68 6.93
C SER A 68 12.60 5.42 6.19
N GLU A 69 12.37 6.67 6.59
CA GLU A 69 11.31 7.47 6.02
C GLU A 69 11.81 8.28 4.83
N ILE A 70 10.89 8.55 3.90
CA ILE A 70 11.09 9.53 2.84
C ILE A 70 9.91 10.49 2.92
N ASN A 71 10.18 11.74 3.28
CA ASN A 71 9.12 12.74 3.36
C ASN A 71 8.88 13.35 1.98
N LEU A 72 7.62 13.31 1.54
CA LEU A 72 7.27 13.76 0.20
C LEU A 72 6.87 15.23 0.20
N SER A 73 7.45 16.00 -0.73
CA SER A 73 7.13 17.41 -0.92
C SER A 73 6.71 17.72 -2.34
N LEU A 74 6.56 16.71 -3.20
CA LEU A 74 6.31 16.91 -4.61
C LEU A 74 4.85 17.27 -4.86
N LYS A 75 4.59 17.74 -6.07
CA LYS A 75 3.22 17.91 -6.54
C LYS A 75 2.53 16.55 -6.64
N GLY A 76 1.19 16.58 -6.58
CA GLY A 76 0.43 15.37 -6.76
C GLY A 76 -0.57 15.06 -5.67
N ALA A 77 -1.74 14.56 -6.06
CA ALA A 77 -2.76 14.16 -5.10
C ALA A 77 -2.28 12.95 -4.32
N ARG A 78 -2.16 13.10 -3.00
CA ARG A 78 -1.58 12.05 -2.17
C ARG A 78 -2.20 12.11 -0.78
N ALA A 79 -2.71 10.99 -0.31
CA ALA A 79 -3.25 10.91 1.04
C ALA A 79 -2.15 10.62 2.06
N ARG A 80 -1.07 9.97 1.64
N ARG A 80 -1.11 9.92 1.65
CA ARG A 80 0.05 9.60 2.52
CA ARG A 80 0.05 9.64 2.48
C ARG A 80 1.30 10.35 2.08
C ARG A 80 1.19 10.53 2.03
N ASP A 81 1.85 11.18 2.98
CA ASP A 81 2.98 12.03 2.66
C ASP A 81 4.33 11.47 3.14
N ILE A 82 4.33 10.35 3.85
CA ILE A 82 5.56 9.74 4.34
C ILE A 82 5.65 8.33 3.77
N LEU A 83 6.73 8.04 3.06
CA LEU A 83 7.02 6.70 2.59
C LEU A 83 8.07 6.06 3.48
N THR A 84 8.03 4.73 3.58
CA THR A 84 9.00 3.96 4.35
C THR A 84 9.69 2.96 3.43
N LEU A 85 11.03 2.96 3.45
CA LEU A 85 11.84 2.15 2.55
C LEU A 85 13.04 1.61 3.29
N ASN A 86 13.42 0.36 3.01
CA ASN A 86 14.68 -0.15 3.53
C ASN A 86 15.84 0.57 2.85
N LYS A 87 16.75 1.12 3.64
CA LYS A 87 17.86 1.92 3.13
C LYS A 87 19.16 1.41 3.69
N LYS A 88 20.17 1.24 2.82
CA LYS A 88 21.47 0.79 3.30
C LYS A 88 22.18 1.91 4.03
N SER A 89 22.88 1.55 5.10
CA SER A 89 23.52 2.52 5.97
C SER A 89 24.53 3.36 5.21
N LYS A 90 24.36 4.69 5.29
CA LYS A 90 25.28 5.69 4.74
C LYS A 90 25.39 5.63 3.21
N ILE A 91 24.57 4.81 2.55
CA ILE A 91 24.69 4.57 1.12
C ILE A 91 23.34 4.84 0.46
N HIS A 92 23.38 5.38 -0.76
CA HIS A 92 22.18 5.77 -1.47
C HIS A 92 21.54 4.58 -2.20
N SER A 93 21.34 3.47 -1.49
CA SER A 93 20.70 2.29 -2.06
C SER A 93 19.52 1.91 -1.18
N TYR A 94 18.42 1.52 -1.83
CA TYR A 94 17.19 1.17 -1.13
C TYR A 94 16.69 -0.18 -1.64
N PHE A 95 15.85 -0.81 -0.82
CA PHE A 95 15.28 -2.11 -1.15
C PHE A 95 13.82 -2.15 -0.74
N ASP A 96 12.99 -2.80 -1.54
CA ASP A 96 11.62 -3.05 -1.12
C ASP A 96 11.14 -4.41 -1.58
N PHE A 97 10.47 -5.11 -0.66
CA PHE A 97 9.67 -6.29 -0.96
C PHE A 97 8.24 -5.81 -1.22
N PRO A 98 7.71 -5.88 -2.46
CA PRO A 98 6.38 -5.33 -2.72
C PRO A 98 5.29 -5.96 -1.89
N ASN A 99 4.81 -5.22 -0.88
CA ASN A 99 3.82 -5.73 0.05
C ASN A 99 2.53 -6.12 -0.68
N THR A 100 2.17 -5.37 -1.71
CA THR A 100 0.94 -5.64 -2.45
C THR A 100 0.89 -7.08 -2.99
N LEU A 101 2.04 -7.67 -3.32
CA LEU A 101 2.06 -9.05 -3.82
C LEU A 101 1.47 -10.02 -2.82
N LEU A 102 1.51 -9.69 -1.53
CA LEU A 102 1.00 -10.58 -0.50
C LEU A 102 -0.52 -10.58 -0.41
N SER A 103 -1.21 -9.83 -1.26
CA SER A 103 -2.67 -9.89 -1.38
C SER A 103 -3.13 -10.80 -2.50
N LEU A 104 -2.22 -11.28 -3.35
CA LEU A 104 -2.61 -12.01 -4.55
C LEU A 104 -3.31 -13.32 -4.21
N TYR A 105 -2.82 -14.04 -3.20
CA TYR A 105 -3.47 -15.29 -2.82
C TYR A 105 -4.91 -15.06 -2.38
N SER A 106 -5.12 -14.05 -1.53
CA SER A 106 -6.48 -13.71 -1.12
C SER A 106 -7.35 -13.36 -2.31
N TYR A 107 -6.81 -12.61 -3.27
CA TYR A 107 -7.57 -12.25 -4.46
C TYR A 107 -7.98 -13.50 -5.24
N VAL A 108 -7.04 -14.43 -5.45
CA VAL A 108 -7.34 -15.62 -6.24
C VAL A 108 -8.39 -16.49 -5.55
N ASP A 109 -8.31 -16.58 -4.22
CA ASP A 109 -9.30 -17.34 -3.46
C ASP A 109 -10.64 -16.61 -3.40
N SER A 120 -8.65 -26.38 -6.40
CA SER A 120 -7.68 -26.95 -5.47
C SER A 120 -6.64 -25.92 -5.04
N GLU A 121 -5.87 -26.25 -4.01
CA GLU A 121 -4.89 -25.30 -3.48
C GLU A 121 -3.69 -25.15 -4.42
N LEU A 122 -3.37 -26.19 -5.19
CA LEU A 122 -2.23 -26.09 -6.10
C LEU A 122 -2.55 -25.26 -7.34
N LYS A 123 -3.80 -25.31 -7.81
CA LYS A 123 -4.17 -24.52 -8.99
C LYS A 123 -4.08 -23.03 -8.71
N LYS A 124 -4.53 -22.60 -7.52
CA LYS A 124 -4.47 -21.19 -7.17
C LYS A 124 -3.04 -20.70 -7.05
N LYS A 125 -2.11 -21.56 -6.63
CA LYS A 125 -0.72 -21.14 -6.51
C LYS A 125 -0.13 -20.82 -7.89
N LYS A 126 -0.49 -21.60 -8.91
CA LYS A 126 0.01 -21.33 -10.25
C LYS A 126 -0.63 -20.08 -10.84
N PHE A 127 -1.87 -19.77 -10.47
CA PHE A 127 -2.47 -18.52 -10.89
C PHE A 127 -1.79 -17.34 -10.23
N VAL A 128 -1.42 -17.48 -8.95
CA VAL A 128 -0.65 -16.44 -8.27
C VAL A 128 0.66 -16.17 -9.00
N GLU A 129 1.31 -17.23 -9.48
CA GLU A 129 2.60 -17.06 -10.15
C GLU A 129 2.43 -16.36 -11.50
N LEU A 130 1.30 -16.59 -12.19
CA LEU A 130 1.05 -15.85 -13.42
C LEU A 130 0.78 -14.38 -13.13
N LEU A 131 0.10 -14.09 -12.02
CA LEU A 131 -0.16 -12.70 -11.66
C LEU A 131 1.14 -12.00 -11.27
N ILE A 132 2.05 -12.70 -10.59
CA ILE A 132 3.36 -12.15 -10.29
C ILE A 132 4.06 -11.75 -11.58
N GLU A 133 4.11 -12.67 -12.56
CA GLU A 133 4.75 -12.36 -13.83
C GLU A 133 4.15 -11.12 -14.46
N GLN A 134 2.83 -11.01 -14.46
CA GLN A 134 2.18 -9.87 -15.10
C GLN A 134 2.41 -8.59 -14.31
N PHE A 135 2.46 -8.70 -12.98
CA PHE A 135 2.80 -7.54 -12.15
C PHE A 135 4.11 -6.92 -12.59
N TYR A 136 5.15 -7.75 -12.75
CA TYR A 136 6.46 -7.23 -13.13
C TYR A 136 6.51 -6.84 -14.60
N LEU A 137 5.68 -7.47 -15.44
CA LEU A 137 5.55 -7.01 -16.82
C LEU A 137 5.11 -5.56 -16.88
N LYS A 138 4.05 -5.23 -16.13
CA LYS A 138 3.56 -3.85 -16.10
C LYS A 138 4.55 -2.93 -15.37
N LEU A 139 5.07 -3.37 -14.23
CA LEU A 139 6.01 -2.52 -13.48
C LEU A 139 7.24 -2.19 -14.32
N ASN A 140 7.79 -3.17 -15.02
CA ASN A 140 8.94 -2.89 -15.87
C ASN A 140 8.57 -1.91 -16.98
N GLU A 141 7.35 -2.05 -17.55
CA GLU A 141 6.92 -1.12 -18.59
C GLU A 141 6.90 0.31 -18.05
N LEU A 142 6.35 0.49 -16.85
CA LEU A 142 6.26 1.82 -16.26
C LEU A 142 7.64 2.40 -15.98
N ILE A 143 8.57 1.56 -15.52
CA ILE A 143 9.94 2.03 -15.28
C ILE A 143 10.56 2.54 -16.59
N GLN A 144 10.44 1.76 -17.66
CA GLN A 144 11.04 2.16 -18.93
C GLN A 144 10.38 3.40 -19.50
N GLU A 145 9.04 3.50 -19.37
CA GLU A 145 8.34 4.64 -19.94
C GLU A 145 8.65 5.93 -19.22
N ASN A 146 9.15 5.86 -17.98
CA ASN A 146 9.62 7.03 -17.25
C ASN A 146 11.13 7.15 -17.25
N ASN A 147 11.82 6.35 -18.08
CA ASN A 147 13.28 6.39 -18.21
C ASN A 147 13.96 6.33 -16.84
N LEU A 148 13.58 5.33 -16.05
CA LEU A 148 14.09 5.19 -14.69
C LEU A 148 14.98 3.97 -14.50
N THR A 149 15.40 3.32 -15.59
CA THR A 149 16.13 2.06 -15.45
C THR A 149 17.48 2.23 -14.76
N ASN A 150 18.05 3.43 -14.80
CA ASN A 150 19.32 3.68 -14.11
C ASN A 150 19.15 3.71 -12.61
N ASN A 151 17.93 3.94 -12.11
CA ASN A 151 17.68 4.04 -10.68
C ASN A 151 16.86 2.91 -10.11
N ILE A 152 15.96 2.32 -10.89
CA ILE A 152 15.05 1.28 -10.41
C ILE A 152 15.46 -0.03 -11.07
N THR A 153 15.88 -1.00 -10.26
CA THR A 153 16.25 -2.32 -10.75
C THR A 153 15.55 -3.38 -9.91
N PHE A 154 15.72 -4.64 -10.31
CA PHE A 154 15.08 -5.76 -9.65
C PHE A 154 16.12 -6.65 -8.99
N CYS A 155 15.78 -7.18 -7.81
CA CYS A 155 16.71 -7.94 -6.99
C CYS A 155 16.19 -9.35 -6.77
N ASP A 156 17.12 -10.30 -6.63
CA ASP A 156 16.75 -11.68 -6.35
C ASP A 156 16.71 -11.90 -4.84
N LYS A 157 16.63 -13.17 -4.41
CA LYS A 157 16.54 -13.49 -3.00
C LYS A 157 17.75 -13.00 -2.22
N ASN A 158 18.89 -12.83 -2.88
CA ASN A 158 20.12 -12.43 -2.21
C ASN A 158 20.42 -10.94 -2.37
N LEU A 159 19.41 -10.14 -2.70
CA LEU A 159 19.56 -8.71 -2.91
C LEU A 159 20.59 -8.39 -3.99
N GLN A 160 20.77 -9.31 -4.93
CA GLN A 160 21.62 -9.09 -6.09
C GLN A 160 20.75 -8.69 -7.28
N GLY A 161 21.22 -7.69 -8.02
CA GLY A 161 20.48 -7.19 -9.17
C GLY A 161 20.11 -8.26 -10.18
N LEU A 162 18.99 -8.06 -10.88
CA LEU A 162 18.45 -9.04 -11.82
C LEU A 162 18.15 -10.35 -11.10
N SER B 6 -13.07 -5.63 -11.93
CA SER B 6 -12.05 -6.59 -11.55
C SER B 6 -10.75 -5.93 -11.06
N PRO B 7 -10.20 -4.94 -11.78
CA PRO B 7 -9.04 -4.21 -11.23
C PRO B 7 -9.37 -3.50 -9.94
N ALA B 8 -10.57 -2.92 -9.83
CA ALA B 8 -10.98 -2.30 -8.58
C ALA B 8 -11.11 -3.32 -7.47
N PHE B 9 -11.48 -4.56 -7.81
CA PHE B 9 -11.55 -5.61 -6.79
C PHE B 9 -10.18 -5.95 -6.26
N ALA B 10 -9.18 -6.04 -7.14
CA ALA B 10 -7.81 -6.31 -6.71
C ALA B 10 -7.33 -5.23 -5.75
N LEU B 11 -7.57 -3.96 -6.08
CA LEU B 11 -7.15 -2.88 -5.19
C LEU B 11 -7.87 -2.96 -3.85
N ALA B 12 -9.16 -3.27 -3.86
CA ALA B 12 -9.92 -3.35 -2.61
C ALA B 12 -9.45 -4.51 -1.75
N VAL B 13 -9.11 -5.65 -2.38
CA VAL B 13 -8.63 -6.80 -1.63
C VAL B 13 -7.30 -6.46 -0.96
N GLY B 14 -6.39 -5.82 -1.70
CA GLY B 14 -5.12 -5.43 -1.11
C GLY B 14 -5.28 -4.42 0.00
N TYR B 15 -6.20 -3.47 -0.18
CA TYR B 15 -6.48 -2.48 0.85
C TYR B 15 -7.03 -3.14 2.11
N PHE B 16 -7.92 -4.12 1.95
CA PHE B 16 -8.49 -4.80 3.10
C PHE B 16 -7.49 -5.76 3.74
N LYS B 17 -6.87 -6.62 2.92
CA LYS B 17 -6.03 -7.68 3.46
C LYS B 17 -4.75 -7.13 4.07
N ASN B 18 -4.18 -6.08 3.47
CA ASN B 18 -2.89 -5.57 3.91
C ASN B 18 -2.99 -4.35 4.80
N PHE B 19 -4.17 -3.78 4.98
CA PHE B 19 -4.25 -2.58 5.82
C PHE B 19 -5.41 -2.60 6.79
N ILE B 20 -6.65 -2.57 6.29
CA ILE B 20 -7.81 -2.42 7.16
C ILE B 20 -7.95 -3.60 8.11
N PHE B 21 -7.88 -4.82 7.57
CA PHE B 21 -8.11 -6.00 8.40
C PHE B 21 -7.00 -6.22 9.42
N PRO B 22 -5.71 -6.14 9.07
CA PRO B 22 -4.69 -6.25 10.13
C PRO B 22 -4.76 -5.11 11.13
N ALA B 23 -5.12 -3.91 10.70
CA ALA B 23 -5.19 -2.80 11.64
C ALA B 23 -6.28 -3.04 12.69
N ILE B 24 -7.48 -3.38 12.25
CA ILE B 24 -8.57 -3.55 13.22
C ILE B 24 -8.33 -4.79 14.07
N THR B 25 -7.74 -5.85 13.49
CA THR B 25 -7.47 -7.05 14.27
C THR B 25 -6.43 -6.79 15.33
N GLN B 26 -5.39 -6.01 15.01
CA GLN B 26 -4.35 -5.70 15.97
C GLN B 26 -4.87 -4.86 17.11
N ILE B 27 -5.59 -3.78 16.81
CA ILE B 27 -6.03 -2.90 17.89
C ILE B 27 -7.04 -3.61 18.78
N LYS B 28 -7.85 -4.52 18.22
CA LYS B 28 -8.72 -5.33 19.07
C LYS B 28 -7.90 -6.28 19.94
N GLU B 29 -6.88 -6.91 19.36
CA GLU B 29 -5.98 -7.75 20.14
C GLU B 29 -5.29 -6.94 21.24
N ASN B 30 -4.97 -5.68 20.95
CA ASN B 30 -4.34 -4.80 21.93
C ASN B 30 -5.28 -4.43 23.07
N GLY B 31 -6.56 -4.78 22.97
CA GLY B 31 -7.49 -4.52 24.06
C GLY B 31 -8.49 -3.43 23.81
N GLU B 32 -8.56 -2.89 22.60
CA GLU B 32 -9.61 -1.93 22.27
C GLU B 32 -10.86 -2.72 21.93
N VAL B 33 -11.90 -2.59 22.76
CA VAL B 33 -13.05 -3.47 22.66
C VAL B 33 -13.99 -3.04 21.54
N ASN B 34 -14.19 -1.74 21.37
CA ASN B 34 -15.12 -1.22 20.38
C ASN B 34 -14.47 -0.11 19.55
N PRO B 35 -13.39 -0.41 18.84
CA PRO B 35 -12.77 0.62 18.00
C PRO B 35 -13.56 0.86 16.73
N LYS B 36 -13.47 2.10 16.25
CA LYS B 36 -14.18 2.51 15.05
C LYS B 36 -13.17 3.00 14.02
N ILE B 37 -13.32 2.55 12.79
CA ILE B 37 -12.53 3.05 11.66
C ILE B 37 -13.52 3.55 10.62
N CYS B 38 -13.46 4.84 10.31
CA CYS B 38 -14.25 5.40 9.23
C CYS B 38 -13.37 5.52 8.00
N ILE B 39 -13.86 5.00 6.88
CA ILE B 39 -13.13 5.01 5.61
C ILE B 39 -13.78 6.07 4.73
N TYR B 40 -12.98 7.01 4.25
CA TYR B 40 -13.52 8.03 3.36
C TYR B 40 -14.03 7.36 2.08
N LYS B 41 -15.23 7.76 1.67
CA LYS B 41 -15.86 7.19 0.47
C LYS B 41 -16.34 8.32 -0.43
N PRO B 42 -15.59 8.67 -1.46
CA PRO B 42 -16.09 9.61 -2.46
C PRO B 42 -16.90 8.88 -3.53
N LYS B 43 -17.53 9.67 -4.39
CA LYS B 43 -18.15 9.12 -5.59
C LYS B 43 -17.99 10.03 -6.81
N HIS B 44 -17.59 11.27 -6.63
CA HIS B 44 -17.30 12.17 -7.75
C HIS B 44 -15.80 12.24 -7.97
N PHE B 45 -15.40 12.32 -9.24
CA PHE B 45 -13.98 12.28 -9.58
C PHE B 45 -13.23 13.44 -8.94
N ASP B 46 -13.86 14.62 -8.86
CA ASP B 46 -13.18 15.80 -8.34
C ASP B 46 -12.86 15.70 -6.85
N GLU B 47 -13.29 14.65 -6.16
CA GLU B 47 -12.92 14.47 -4.76
C GLU B 47 -11.54 13.84 -4.59
N LEU B 48 -10.91 13.38 -5.68
CA LEU B 48 -9.56 12.84 -5.63
C LEU B 48 -8.51 13.87 -6.05
N THR B 49 -8.88 15.14 -6.09
CA THR B 49 -7.93 16.19 -6.40
C THR B 49 -7.15 16.60 -5.16
N SER B 50 -5.98 17.20 -5.38
CA SER B 50 -5.14 17.61 -4.27
C SER B 50 -5.80 18.69 -3.41
N THR B 51 -6.72 19.46 -3.99
CA THR B 51 -7.41 20.49 -3.21
C THR B 51 -8.36 19.86 -2.19
N ASN B 52 -9.15 18.88 -2.62
CA ASN B 52 -10.07 18.22 -1.70
C ASN B 52 -9.32 17.40 -0.65
N ILE B 53 -8.18 16.82 -1.02
CA ILE B 53 -7.38 16.05 -0.06
C ILE B 53 -6.85 16.97 1.04
N ASP B 54 -6.36 18.15 0.66
CA ASP B 54 -5.85 19.10 1.65
C ASP B 54 -6.95 19.58 2.59
N MET B 55 -8.18 19.73 2.08
CA MET B 55 -9.29 20.08 2.96
C MET B 55 -9.55 18.98 3.98
N ILE B 56 -9.47 17.72 3.55
CA ILE B 56 -9.67 16.60 4.47
C ILE B 56 -8.54 16.56 5.50
N LYS B 57 -7.31 16.85 5.07
CA LYS B 57 -6.18 16.81 5.99
C LYS B 57 -6.29 17.90 7.04
N ALA B 58 -6.55 19.14 6.61
CA ALA B 58 -6.74 20.22 7.57
C ALA B 58 -7.91 19.93 8.51
N GLU B 59 -8.96 19.29 7.98
CA GLU B 59 -10.08 18.93 8.83
C GLU B 59 -9.70 17.89 9.86
N LEU B 60 -8.96 16.85 9.45
CA LEU B 60 -8.46 15.86 10.40
C LEU B 60 -7.65 16.52 11.51
N THR B 61 -6.72 17.40 11.13
CA THR B 61 -5.96 18.17 12.13
C THR B 61 -6.89 18.95 13.05
N ASN B 62 -7.88 19.63 12.46
CA ASN B 62 -8.78 20.47 13.24
C ASN B 62 -9.62 19.64 14.22
N LYS B 63 -9.94 18.39 13.86
CA LYS B 63 -10.70 17.51 14.73
C LYS B 63 -9.81 16.64 15.61
N LYS B 64 -8.52 16.97 15.70
CA LYS B 64 -7.58 16.36 16.63
C LYS B 64 -7.26 14.90 16.27
N TYR B 65 -7.27 14.59 14.97
CA TYR B 65 -6.74 13.32 14.48
C TYR B 65 -5.25 13.46 14.25
N ASN B 66 -4.51 12.42 14.57
CA ASN B 66 -3.07 12.38 14.33
C ASN B 66 -2.69 10.99 13.83
N LEU B 67 -1.67 10.95 12.98
CA LEU B 67 -1.19 9.66 12.49
C LEU B 67 -0.65 8.83 13.65
N SER B 68 -1.21 7.63 13.81
CA SER B 68 -0.89 6.77 14.95
C SER B 68 -0.30 5.47 14.43
N GLU B 69 0.66 4.93 15.19
CA GLU B 69 1.38 3.73 14.79
C GLU B 69 0.63 2.50 15.27
N ILE B 70 0.48 1.51 14.39
CA ILE B 70 -0.07 0.21 14.76
C ILE B 70 0.98 -0.84 14.43
N ASN B 71 1.50 -1.51 15.46
CA ASN B 71 2.54 -2.52 15.29
C ASN B 71 1.88 -3.89 15.15
N LEU B 72 2.12 -4.55 14.02
CA LEU B 72 1.44 -5.80 13.72
C LEU B 72 2.25 -6.98 14.28
N SER B 73 1.63 -7.72 15.20
CA SER B 73 2.22 -8.93 15.75
C SER B 73 1.41 -10.17 15.38
N LEU B 74 0.50 -10.05 14.40
CA LEU B 74 -0.47 -11.08 14.10
C LEU B 74 0.19 -12.25 13.38
N LYS B 75 -0.62 -13.28 13.13
CA LYS B 75 -0.26 -14.35 12.22
C LYS B 75 -0.49 -13.89 10.78
N GLY B 76 0.41 -14.26 9.88
CA GLY B 76 0.25 -13.98 8.48
C GLY B 76 1.50 -13.38 7.85
N ALA B 77 1.71 -13.68 6.58
CA ALA B 77 2.85 -13.15 5.86
C ALA B 77 2.60 -11.68 5.49
N ARG B 78 3.55 -10.82 5.85
CA ARG B 78 3.51 -9.43 5.43
C ARG B 78 4.94 -8.88 5.46
N ALA B 79 5.28 -8.09 4.44
CA ALA B 79 6.57 -7.43 4.40
C ALA B 79 6.59 -6.15 5.21
N ARG B 80 5.42 -5.51 5.43
N ARG B 80 5.43 -5.53 5.41
CA ARG B 80 5.31 -4.25 6.16
CA ARG B 80 5.28 -4.31 6.18
C ARG B 80 4.60 -4.53 7.50
C ARG B 80 4.64 -4.67 7.51
N ASP B 81 5.33 -4.38 8.60
CA ASP B 81 4.83 -4.69 9.95
C ASP B 81 4.35 -3.49 10.74
N ILE B 82 4.61 -2.27 10.28
CA ILE B 82 4.23 -1.07 10.99
C ILE B 82 3.27 -0.29 10.11
N LEU B 83 2.03 -0.14 10.58
CA LEU B 83 1.04 0.68 9.90
C LEU B 83 0.97 2.05 10.55
N THR B 84 0.49 3.02 9.77
CA THR B 84 0.18 4.34 10.27
C THR B 84 -1.25 4.68 9.89
N LEU B 85 -2.01 5.20 10.85
CA LEU B 85 -3.44 5.41 10.67
C LEU B 85 -3.88 6.61 11.50
N ASN B 86 -4.71 7.48 10.91
CA ASN B 86 -5.22 8.63 11.62
C ASN B 86 -6.09 8.20 12.78
N LYS B 87 -5.81 8.73 13.98
CA LYS B 87 -6.51 8.34 15.19
C LYS B 87 -6.94 9.60 15.95
N LYS B 88 -8.20 9.62 16.36
CA LYS B 88 -8.68 10.74 17.17
C LYS B 88 -8.04 10.71 18.54
N SER B 89 -7.57 11.86 19.00
CA SER B 89 -6.91 11.96 20.30
C SER B 89 -7.78 11.37 21.40
N LYS B 90 -7.18 10.48 22.20
CA LYS B 90 -7.74 9.89 23.42
C LYS B 90 -8.92 8.95 23.17
N ILE B 91 -9.29 8.68 21.92
CA ILE B 91 -10.47 7.88 21.62
C ILE B 91 -10.09 6.75 20.68
N HIS B 92 -10.76 5.60 20.84
CA HIS B 92 -10.59 4.46 19.95
C HIS B 92 -11.36 4.68 18.63
N SER B 93 -10.97 5.73 17.92
CA SER B 93 -11.65 6.12 16.69
C SER B 93 -10.61 6.51 15.65
N TYR B 94 -10.79 6.00 14.42
CA TYR B 94 -9.78 6.12 13.38
C TYR B 94 -10.43 6.52 12.06
N PHE B 95 -9.61 7.06 11.16
CA PHE B 95 -10.07 7.51 9.85
C PHE B 95 -8.99 7.22 8.83
N ASP B 96 -9.39 6.81 7.62
CA ASP B 96 -8.43 6.66 6.53
C ASP B 96 -9.01 7.11 5.20
N PHE B 97 -8.22 7.90 4.48
CA PHE B 97 -8.45 8.17 3.06
C PHE B 97 -7.71 7.09 2.27
N PRO B 98 -8.41 6.18 1.58
CA PRO B 98 -7.71 5.08 0.89
C PRO B 98 -6.79 5.59 -0.20
N ASN B 99 -5.49 5.57 0.08
CA ASN B 99 -4.50 6.07 -0.86
C ASN B 99 -4.55 5.33 -2.19
N THR B 100 -4.94 4.05 -2.16
CA THR B 100 -4.96 3.25 -3.38
C THR B 100 -5.95 3.81 -4.40
N LEU B 101 -6.98 4.52 -3.93
CA LEU B 101 -7.93 5.13 -4.86
C LEU B 101 -7.27 6.13 -5.79
N LEU B 102 -6.21 6.80 -5.33
CA LEU B 102 -5.56 7.85 -6.10
C LEU B 102 -4.75 7.33 -7.27
N SER B 103 -4.74 6.02 -7.51
CA SER B 103 -4.09 5.46 -8.68
C SER B 103 -5.07 5.11 -9.79
N LEU B 104 -6.37 5.29 -9.57
CA LEU B 104 -7.36 4.89 -10.55
C LEU B 104 -7.30 5.74 -11.81
N TYR B 105 -7.00 7.03 -11.68
CA TYR B 105 -6.86 7.86 -12.87
C TYR B 105 -5.66 7.42 -13.71
N SER B 106 -4.53 7.14 -13.05
CA SER B 106 -3.35 6.70 -13.78
C SER B 106 -3.55 5.32 -14.39
N TYR B 107 -4.37 4.48 -13.75
CA TYR B 107 -4.71 3.20 -14.36
C TYR B 107 -5.61 3.38 -15.57
N VAL B 108 -6.41 4.44 -15.59
CA VAL B 108 -7.25 4.77 -16.74
C VAL B 108 -6.64 5.93 -17.52
N LYS B 125 -13.32 8.68 -18.89
CA LYS B 125 -13.82 9.91 -18.30
C LYS B 125 -14.34 9.65 -16.89
N LYS B 126 -15.61 9.25 -16.78
CA LYS B 126 -16.18 8.84 -15.52
C LYS B 126 -16.15 7.33 -15.34
N PHE B 127 -15.44 6.61 -16.22
CA PHE B 127 -15.14 5.21 -15.98
C PHE B 127 -14.40 5.02 -14.65
N VAL B 128 -13.68 6.06 -14.21
CA VAL B 128 -13.06 6.05 -12.89
C VAL B 128 -14.12 5.93 -11.81
N GLU B 129 -15.22 6.68 -11.96
CA GLU B 129 -16.29 6.61 -10.97
C GLU B 129 -16.95 5.24 -10.95
N LEU B 130 -16.96 4.54 -12.09
CA LEU B 130 -17.39 3.14 -12.09
C LEU B 130 -16.43 2.29 -11.27
N LEU B 131 -15.12 2.50 -11.42
CA LEU B 131 -14.14 1.75 -10.65
C LEU B 131 -14.25 2.08 -9.17
N ILE B 132 -14.53 3.35 -8.84
CA ILE B 132 -14.67 3.74 -7.44
C ILE B 132 -15.86 3.04 -6.81
N GLU B 133 -16.99 2.97 -7.54
CA GLU B 133 -18.16 2.28 -7.00
C GLU B 133 -17.89 0.80 -6.82
N GLN B 134 -17.11 0.20 -7.72
CA GLN B 134 -16.78 -1.22 -7.59
C GLN B 134 -15.76 -1.46 -6.50
N PHE B 135 -14.84 -0.53 -6.29
CA PHE B 135 -13.92 -0.62 -5.16
C PHE B 135 -14.69 -0.73 -3.85
N TYR B 136 -15.69 0.14 -3.65
CA TYR B 136 -16.43 0.17 -2.40
C TYR B 136 -17.43 -0.96 -2.29
N LEU B 137 -17.93 -1.48 -3.41
CA LEU B 137 -18.78 -2.67 -3.35
C LEU B 137 -17.99 -3.86 -2.80
N LYS B 138 -16.77 -4.07 -3.31
CA LYS B 138 -15.94 -5.16 -2.81
C LYS B 138 -15.48 -4.90 -1.38
N LEU B 139 -15.05 -3.67 -1.10
CA LEU B 139 -14.60 -3.34 0.26
C LEU B 139 -15.74 -3.52 1.26
N ASN B 140 -16.93 -3.04 0.92
CA ASN B 140 -18.08 -3.23 1.80
C ASN B 140 -18.43 -4.71 1.93
N GLU B 141 -18.19 -5.49 0.87
CA GLU B 141 -18.43 -6.93 0.94
C GLU B 141 -17.46 -7.60 1.90
N LEU B 142 -16.18 -7.20 1.86
CA LEU B 142 -15.19 -7.83 2.72
C LEU B 142 -15.43 -7.49 4.19
N ILE B 143 -15.96 -6.29 4.48
CA ILE B 143 -16.29 -5.94 5.85
C ILE B 143 -17.41 -6.82 6.38
N GLN B 144 -18.44 -7.04 5.57
CA GLN B 144 -19.55 -7.89 5.99
C GLN B 144 -19.10 -9.33 6.19
N GLU B 145 -18.30 -9.86 5.27
CA GLU B 145 -17.89 -11.25 5.34
C GLU B 145 -16.98 -11.54 6.53
N ASN B 146 -16.37 -10.51 7.11
CA ASN B 146 -15.53 -10.68 8.29
C ASN B 146 -16.19 -10.14 9.55
N ASN B 147 -17.49 -9.87 9.51
CA ASN B 147 -18.28 -9.49 10.68
C ASN B 147 -17.74 -8.22 11.33
N LEU B 148 -17.39 -7.24 10.51
CA LEU B 148 -16.81 -5.98 10.98
C LEU B 148 -17.70 -4.79 10.68
N THR B 149 -19.00 -5.02 10.46
CA THR B 149 -19.91 -3.95 10.06
C THR B 149 -20.08 -2.90 11.15
N ASN B 150 -19.91 -3.29 12.41
CA ASN B 150 -20.05 -2.35 13.52
C ASN B 150 -18.77 -1.61 13.85
N ASN B 151 -17.63 -2.05 13.34
CA ASN B 151 -16.35 -1.38 13.60
C ASN B 151 -15.89 -0.50 12.44
N ILE B 152 -16.27 -0.82 11.21
CA ILE B 152 -15.73 -0.15 10.03
C ILE B 152 -16.90 0.39 9.22
N THR B 153 -16.95 1.72 9.08
CA THR B 153 -18.00 2.41 8.34
C THR B 153 -17.35 3.38 7.36
N PHE B 154 -18.19 4.14 6.65
CA PHE B 154 -17.73 5.05 5.62
C PHE B 154 -18.09 6.49 5.96
N CYS B 155 -17.22 7.42 5.54
CA CYS B 155 -17.34 8.83 5.89
C CYS B 155 -17.28 9.68 4.64
N ASP B 156 -17.84 10.89 4.74
CA ASP B 156 -17.85 11.83 3.63
C ASP B 156 -16.66 12.80 3.77
N LYS B 157 -16.67 13.87 2.97
CA LYS B 157 -15.62 14.87 3.05
C LYS B 157 -15.57 15.52 4.43
N ASN B 158 -16.71 15.57 5.12
CA ASN B 158 -16.81 16.23 6.42
C ASN B 158 -16.67 15.26 7.59
N LEU B 159 -16.09 14.08 7.35
CA LEU B 159 -15.85 13.08 8.40
C LEU B 159 -17.15 12.64 9.08
N GLN B 160 -18.26 12.68 8.34
CA GLN B 160 -19.56 12.25 8.84
C GLN B 160 -19.95 10.94 8.17
N GLY B 161 -20.62 10.06 8.93
CA GLY B 161 -21.04 8.77 8.41
C GLY B 161 -22.17 8.86 7.40
#